data_2YD7
#
_entry.id   2YD7
#
_cell.length_a   161.157
_cell.length_b   31.724
_cell.length_c   92.323
_cell.angle_alpha   90.00
_cell.angle_beta   111.97
_cell.angle_gamma   90.00
#
_symmetry.space_group_name_H-M   'C 1 2 1'
#
loop_
_entity.id
_entity.type
_entity.pdbx_description
1 polymer 'PTPRD PROTEIN'
2 non-polymer 'PHOSPHATE ION'
3 water water
#
_entity_poly.entity_id   1
_entity_poly.type   'polypeptide(L)'
_entity_poly.pdbx_seq_one_letter_code
;ETGETPPRFTRTPVDQTGVSGGVASFICQATGDPRPKIVWNKKGKKVSNQRFEVIEFDDGSGSVLRIQPLRTPRDEAIYE
CVASNNVGEISVSTRLTVLREDQIPRGFPTIDMGPQLKVVERTRTATMLCAASGNPDPEITWFKDFLPVDTSNNNGRIKQ
LRSESIGALQIEQSEESDQGKYECVATNSAGTRYSAPANLYVRGTKHHHHHH
;
_entity_poly.pdbx_strand_id   A,B
#
loop_
_chem_comp.id
_chem_comp.type
_chem_comp.name
_chem_comp.formula
PO4 non-polymer 'PHOSPHATE ION' 'O4 P -3'
#
# COMPACT_ATOMS: atom_id res chain seq x y z
N GLU A 4 12.48 3.46 15.06
CA GLU A 4 11.45 4.06 14.18
C GLU A 4 11.11 3.13 13.02
N THR A 5 9.82 3.02 12.69
CA THR A 5 9.36 2.12 11.66
C THR A 5 8.35 2.82 10.73
N PRO A 6 8.33 2.45 9.45
CA PRO A 6 7.36 3.04 8.53
C PRO A 6 5.92 2.67 8.88
N PRO A 7 4.94 3.44 8.40
CA PRO A 7 3.55 3.03 8.62
C PRO A 7 3.26 1.66 8.01
N ARG A 8 2.41 0.90 8.68
CA ARG A 8 1.90 -0.39 8.20
C ARG A 8 0.43 -0.46 8.56
N PHE A 9 -0.42 -0.85 7.62
CA PHE A 9 -1.87 -0.93 7.88
C PHE A 9 -2.24 -2.11 8.77
N THR A 10 -3.08 -1.86 9.77
CA THR A 10 -3.65 -2.93 10.60
C THR A 10 -5.10 -3.19 10.19
N ARG A 11 -5.75 -2.19 9.60
CA ARG A 11 -7.08 -2.36 9.05
CA ARG A 11 -7.06 -2.40 9.00
C ARG A 11 -7.25 -1.46 7.84
N THR A 12 -7.60 -2.03 6.70
CA THR A 12 -7.77 -1.26 5.50
C THR A 12 -9.24 -1.11 5.19
N PRO A 13 -9.64 0.00 4.56
CA PRO A 13 -11.04 0.27 4.30
C PRO A 13 -11.63 -0.71 3.27
N VAL A 14 -12.91 -0.98 3.42
CA VAL A 14 -13.59 -1.92 2.56
C VAL A 14 -14.64 -1.18 1.75
N ASP A 15 -14.75 -1.50 0.46
CA ASP A 15 -15.75 -0.90 -0.43
C ASP A 15 -17.15 -0.84 0.19
N GLN A 16 -17.86 0.26 -0.01
CA GLN A 16 -19.22 0.44 0.51
C GLN A 16 -20.17 0.75 -0.66
N THR A 17 -21.35 0.14 -0.65
CA THR A 17 -22.46 0.66 -1.45
C THR A 17 -23.55 1.17 -0.51
N GLY A 18 -23.78 2.47 -0.52
CA GLY A 18 -24.80 3.07 0.31
C GLY A 18 -26.01 3.46 -0.49
N VAL A 19 -27.00 4.00 0.20
CA VAL A 19 -28.21 4.52 -0.44
C VAL A 19 -28.22 6.04 -0.22
N SER A 20 -28.63 6.77 -1.26
CA SER A 20 -28.81 8.22 -1.20
C SER A 20 -29.54 8.63 0.09
N GLY A 21 -29.02 9.64 0.79
CA GLY A 21 -29.59 10.09 2.06
C GLY A 21 -29.16 9.30 3.28
N GLY A 22 -28.47 8.18 3.05
CA GLY A 22 -28.05 7.29 4.13
C GLY A 22 -26.64 7.60 4.58
N VAL A 23 -26.01 6.61 5.20
CA VAL A 23 -24.64 6.73 5.69
C VAL A 23 -23.71 5.68 5.03
N ALA A 24 -22.44 6.03 4.89
CA ALA A 24 -21.36 5.08 4.58
C ALA A 24 -20.17 5.45 5.47
N SER A 25 -19.46 4.42 5.94
CA SER A 25 -18.26 4.59 6.77
C SER A 25 -17.12 3.76 6.21
N PHE A 26 -15.91 4.30 6.28
CA PHE A 26 -14.70 3.62 5.84
C PHE A 26 -13.71 3.66 7.00
N ILE A 27 -13.06 2.53 7.25
CA ILE A 27 -12.19 2.44 8.40
C ILE A 27 -10.76 2.27 7.95
N CYS A 28 -9.85 3.02 8.56
CA CYS A 28 -8.43 2.89 8.22
C CYS A 28 -7.59 3.05 9.48
N GLN A 29 -6.81 2.01 9.80
CA GLN A 29 -5.91 2.01 10.94
C GLN A 29 -4.53 1.55 10.51
N ALA A 30 -3.52 2.04 11.22
CA ALA A 30 -2.14 1.69 10.93
C ALA A 30 -1.33 1.79 12.20
N THR A 31 -0.18 1.12 12.23
CA THR A 31 0.79 1.30 13.29
C THR A 31 2.06 1.85 12.67
N GLY A 32 3.01 2.22 13.51
CA GLY A 32 4.23 2.85 13.04
C GLY A 32 4.76 3.77 14.11
N ASP A 33 6.05 4.07 14.00
CA ASP A 33 6.71 4.92 14.96
C ASP A 33 7.63 5.84 14.16
N PRO A 34 7.37 7.16 14.19
CA PRO A 34 6.31 7.84 14.93
C PRO A 34 4.91 7.52 14.43
N ARG A 35 3.92 7.73 15.30
CA ARG A 35 2.53 7.38 15.00
C ARG A 35 2.10 7.91 13.65
N PRO A 36 1.60 7.03 12.76
CA PRO A 36 1.17 7.51 11.45
C PRO A 36 0.01 8.49 11.48
N LYS A 37 0.11 9.56 10.70
CA LYS A 37 -1.03 10.43 10.43
C LYS A 37 -1.84 9.82 9.31
N ILE A 38 -3.16 9.79 9.49
CA ILE A 38 -4.06 9.25 8.48
C ILE A 38 -4.82 10.39 7.83
N VAL A 39 -4.70 10.47 6.52
CA VAL A 39 -5.41 11.46 5.72
C VAL A 39 -6.28 10.73 4.69
N TRP A 40 -7.51 11.18 4.55
CA TRP A 40 -8.42 10.63 3.56
C TRP A 40 -8.44 11.57 2.34
N ASN A 41 -8.25 10.99 1.17
CA ASN A 41 -8.32 11.75 -0.08
C ASN A 41 -9.47 11.26 -0.94
N LYS A 42 -9.94 12.13 -1.83
CA LYS A 42 -10.93 11.72 -2.83
C LYS A 42 -10.26 11.92 -4.17
N LYS A 43 -10.20 10.83 -4.94
CA LYS A 43 -9.42 10.81 -6.18
C LYS A 43 -8.13 11.63 -6.10
N GLY A 44 -7.46 11.57 -4.94
CA GLY A 44 -6.13 12.18 -4.77
C GLY A 44 -6.04 13.51 -4.03
N LYS A 45 -7.19 14.11 -3.71
CA LYS A 45 -7.20 15.38 -2.96
C LYS A 45 -7.87 15.23 -1.61
N LYS A 46 -7.34 15.93 -0.61
CA LYS A 46 -7.86 15.82 0.75
C LYS A 46 -9.36 16.11 0.79
N VAL A 47 -10.09 15.23 1.46
CA VAL A 47 -11.52 15.39 1.59
C VAL A 47 -11.81 16.65 2.40
N SER A 48 -12.77 17.43 1.90
CA SER A 48 -13.01 18.74 2.46
C SER A 48 -14.40 19.17 2.06
N ASN A 49 -15.38 18.57 2.73
CA ASN A 49 -16.79 18.83 2.55
C ASN A 49 -17.49 18.48 3.87
N GLN A 50 -18.44 19.32 4.23
CA GLN A 50 -19.20 19.24 5.49
C GLN A 50 -19.87 17.89 5.80
N ARG A 51 -20.27 17.14 4.76
CA ARG A 51 -20.95 15.88 4.95
C ARG A 51 -19.96 14.74 5.16
N PHE A 52 -18.67 15.06 5.05
CA PHE A 52 -17.62 14.07 5.19
C PHE A 52 -16.91 14.38 6.49
N GLU A 53 -16.91 13.41 7.39
CA GLU A 53 -16.43 13.64 8.75
C GLU A 53 -15.42 12.57 9.08
N VAL A 54 -14.31 12.97 9.68
CA VAL A 54 -13.26 12.03 10.06
C VAL A 54 -13.28 11.92 11.58
N ILE A 55 -13.47 10.72 12.09
CA ILE A 55 -13.55 10.50 13.54
C ILE A 55 -12.38 9.61 13.88
N GLU A 56 -11.53 10.10 14.77
CA GLU A 56 -10.31 9.38 15.14
C GLU A 56 -10.61 8.38 16.25
N PHE A 57 -9.96 7.23 16.20
CA PHE A 57 -10.05 6.26 17.30
C PHE A 57 -9.33 6.86 18.50
N ASP A 58 -9.88 6.64 19.70
CA ASP A 58 -9.35 7.21 20.92
C ASP A 58 -7.86 6.86 21.15
N ASP A 59 -7.43 5.70 20.68
CA ASP A 59 -6.06 5.22 20.86
C ASP A 59 -5.05 5.73 19.82
N GLY A 60 -5.49 6.59 18.89
CA GLY A 60 -4.60 7.14 17.84
C GLY A 60 -4.29 6.21 16.67
N SER A 61 -4.84 5.00 16.68
CA SER A 61 -4.52 3.99 15.66
C SER A 61 -4.97 4.38 14.25
N GLY A 62 -5.88 5.34 14.15
CA GLY A 62 -6.39 5.74 12.85
C GLY A 62 -7.75 6.40 12.92
N SER A 63 -8.55 6.24 11.89
CA SER A 63 -9.80 6.99 11.81
CA SER A 63 -9.80 6.99 11.81
C SER A 63 -10.84 6.35 10.91
N VAL A 64 -12.07 6.87 11.02
CA VAL A 64 -13.19 6.49 10.20
C VAL A 64 -13.58 7.71 9.40
N LEU A 65 -13.77 7.55 8.09
CA LEU A 65 -14.37 8.57 7.24
C LEU A 65 -15.83 8.20 7.14
N ARG A 66 -16.66 9.10 7.65
CA ARG A 66 -18.10 8.94 7.69
C ARG A 66 -18.74 9.94 6.75
N ILE A 67 -19.62 9.47 5.87
CA ILE A 67 -20.27 10.32 4.88
C ILE A 67 -21.78 10.28 5.11
N GLN A 68 -22.39 11.43 5.41
CA GLN A 68 -23.84 11.49 5.72
C GLN A 68 -24.36 12.91 5.60
N PRO A 69 -25.47 13.14 4.86
CA PRO A 69 -26.18 12.16 4.02
C PRO A 69 -25.39 11.86 2.74
N LEU A 70 -25.41 10.60 2.31
CA LEU A 70 -24.86 10.23 1.00
C LEU A 70 -25.62 10.90 -0.14
N ARG A 71 -24.88 11.44 -1.10
CA ARG A 71 -25.43 12.03 -2.32
C ARG A 71 -24.92 11.26 -3.52
N THR A 72 -25.79 11.09 -4.51
CA THR A 72 -25.42 10.45 -5.76
C THR A 72 -25.79 11.36 -6.92
N PRO A 73 -24.91 11.50 -7.93
CA PRO A 73 -23.65 10.81 -8.20
C PRO A 73 -22.41 11.40 -7.52
N ARG A 74 -22.53 12.62 -7.00
CA ARG A 74 -21.41 13.35 -6.36
C ARG A 74 -20.40 12.50 -5.56
N ASP A 75 -20.87 11.77 -4.56
CA ASP A 75 -19.95 11.07 -3.64
C ASP A 75 -19.32 9.81 -4.24
N GLU A 76 -19.89 9.28 -5.33
CA GLU A 76 -19.40 8.04 -5.91
CA GLU A 76 -19.40 8.03 -5.91
C GLU A 76 -18.00 8.26 -6.47
N ALA A 77 -17.02 7.57 -5.91
CA ALA A 77 -15.62 7.79 -6.24
C ALA A 77 -14.73 6.79 -5.55
N ILE A 78 -13.48 6.76 -6.00
CA ILE A 78 -12.42 6.09 -5.30
C ILE A 78 -11.90 7.05 -4.22
N TYR A 79 -11.85 6.57 -2.98
CA TYR A 79 -11.24 7.31 -1.86
C TYR A 79 -9.93 6.63 -1.43
N GLU A 80 -8.97 7.41 -0.94
CA GLU A 80 -7.69 6.87 -0.52
C GLU A 80 -7.46 7.16 0.95
N CYS A 81 -6.94 6.16 1.66
CA CYS A 81 -6.38 6.37 2.99
C CYS A 81 -4.86 6.40 2.88
N VAL A 82 -4.24 7.47 3.38
CA VAL A 82 -2.80 7.68 3.28
C VAL A 82 -2.26 7.75 4.70
N ALA A 83 -1.41 6.78 5.06
CA ALA A 83 -0.75 6.76 6.38
C ALA A 83 0.71 7.20 6.23
N SER A 84 1.14 8.13 7.07
CA SER A 84 2.48 8.69 6.93
C SER A 84 3.14 9.09 8.25
N ASN A 85 4.46 8.91 8.30
CA ASN A 85 5.29 9.48 9.35
C ASN A 85 6.63 9.87 8.71
N ASN A 86 7.62 10.30 9.50
CA ASN A 86 8.86 10.80 8.91
C ASN A 86 9.78 9.71 8.31
N VAL A 87 9.42 8.45 8.51
CA VAL A 87 10.16 7.32 7.97
C VAL A 87 9.54 6.76 6.65
N GLY A 88 8.26 7.03 6.41
CA GLY A 88 7.64 6.59 5.17
C GLY A 88 6.16 6.87 5.02
N GLU A 89 5.60 6.32 3.96
CA GLU A 89 4.22 6.60 3.62
C GLU A 89 3.67 5.45 2.82
N ILE A 90 2.43 5.08 3.13
CA ILE A 90 1.69 4.06 2.43
C ILE A 90 0.27 4.57 2.17
N SER A 91 -0.36 4.04 1.13
CA SER A 91 -1.77 4.30 0.90
C SER A 91 -2.47 3.11 0.32
N VAL A 92 -3.78 3.09 0.48
CA VAL A 92 -4.64 2.10 -0.14
C VAL A 92 -5.98 2.77 -0.42
N SER A 93 -6.72 2.23 -1.36
CA SER A 93 -7.93 2.86 -1.78
C SER A 93 -9.14 1.98 -1.53
N THR A 94 -10.30 2.59 -1.66
CA THR A 94 -11.58 1.93 -1.47
C THR A 94 -12.60 2.65 -2.36
N ARG A 95 -13.70 1.97 -2.64
CA ARG A 95 -14.70 2.48 -3.58
C ARG A 95 -16.04 2.70 -2.90
N LEU A 96 -16.62 3.88 -3.11
CA LEU A 96 -17.98 4.18 -2.64
C LEU A 96 -18.94 4.25 -3.81
N THR A 97 -19.96 3.41 -3.76
CA THR A 97 -21.07 3.47 -4.69
C THR A 97 -22.27 3.98 -3.89
N VAL A 98 -23.08 4.83 -4.52
CA VAL A 98 -24.27 5.41 -3.88
C VAL A 98 -25.46 5.25 -4.78
N LEU A 99 -26.42 4.44 -4.33
CA LEU A 99 -27.60 4.14 -5.10
C LEU A 99 -28.75 5.11 -4.81
N ARG A 100 -29.50 5.46 -5.86
CA ARG A 100 -30.81 6.10 -5.73
C ARG A 100 -31.79 5.09 -5.18
N GLU A 101 -32.95 5.58 -4.74
CA GLU A 101 -34.10 4.70 -4.57
C GLU A 101 -34.38 3.98 -5.89
N ASP A 102 -34.44 4.74 -6.98
CA ASP A 102 -34.55 4.19 -8.33
C ASP A 102 -33.55 3.04 -8.62
N GLN A 103 -32.41 3.00 -7.95
CA GLN A 103 -31.39 1.99 -8.21
C GLN A 103 -31.26 0.88 -7.15
N ILE A 104 -32.06 0.92 -6.07
CA ILE A 104 -31.83 -0.03 -4.93
C ILE A 104 -32.34 -1.43 -5.22
N PRO A 105 -31.45 -2.43 -5.18
CA PRO A 105 -31.89 -3.79 -5.47
C PRO A 105 -32.91 -4.33 -4.46
N ARG A 106 -33.64 -5.35 -4.89
CA ARG A 106 -34.67 -6.00 -4.08
C ARG A 106 -34.14 -6.45 -2.74
N GLY A 107 -32.93 -7.00 -2.74
CA GLY A 107 -32.36 -7.58 -1.54
C GLY A 107 -31.48 -6.65 -0.72
N PHE A 108 -31.47 -5.36 -1.06
CA PHE A 108 -30.69 -4.36 -0.31
C PHE A 108 -31.17 -4.37 1.14
N PRO A 109 -30.25 -4.33 2.11
CA PRO A 109 -30.67 -4.50 3.50
C PRO A 109 -31.71 -3.49 3.97
N THR A 110 -32.69 -4.00 4.72
CA THR A 110 -33.67 -3.16 5.39
C THR A 110 -33.43 -3.31 6.88
N ILE A 111 -33.56 -2.20 7.61
CA ILE A 111 -33.64 -2.20 9.05
C ILE A 111 -35.13 -2.34 9.41
N ASP A 112 -35.55 -3.55 9.77
CA ASP A 112 -36.97 -3.82 10.05
C ASP A 112 -37.32 -3.14 11.36
N MET A 113 -36.40 -3.19 12.31
CA MET A 113 -36.54 -2.51 13.60
C MET A 113 -35.18 -2.08 14.10
N GLY A 114 -34.98 -0.77 14.23
CA GLY A 114 -33.72 -0.24 14.72
C GLY A 114 -33.61 -0.29 16.24
N PRO A 115 -32.42 -0.01 16.77
CA PRO A 115 -32.22 0.00 18.22
C PRO A 115 -32.99 1.12 18.90
N GLN A 116 -33.32 0.90 20.16
CA GLN A 116 -34.14 1.82 20.91
C GLN A 116 -33.35 2.27 22.11
N LEU A 117 -33.80 3.40 22.67
CA LEU A 117 -33.20 3.97 23.87
C LEU A 117 -33.14 2.92 24.96
N LYS A 118 -31.98 2.78 25.58
CA LYS A 118 -31.80 1.84 26.68
C LYS A 118 -31.14 2.51 27.86
N VAL A 119 -31.58 2.13 29.06
CA VAL A 119 -30.91 2.50 30.31
C VAL A 119 -30.59 1.19 31.03
N VAL A 120 -29.31 0.97 31.32
CA VAL A 120 -28.87 -0.21 32.03
C VAL A 120 -28.32 0.24 33.38
N GLU A 121 -28.43 -0.62 34.39
CA GLU A 121 -27.77 -0.36 35.66
C GLU A 121 -26.33 -0.82 35.49
N ARG A 122 -25.40 -0.09 36.11
CA ARG A 122 -23.98 -0.45 36.01
C ARG A 122 -23.74 -1.87 36.50
N THR A 123 -22.84 -2.57 35.79
CA THR A 123 -22.49 -3.97 36.04
C THR A 123 -23.54 -4.97 35.54
N ARG A 124 -24.65 -4.48 35.00
CA ARG A 124 -25.65 -5.34 34.40
C ARG A 124 -25.49 -5.37 32.89
N THR A 125 -26.04 -6.40 32.27
CA THR A 125 -25.98 -6.57 30.83
C THR A 125 -26.92 -5.59 30.13
N ALA A 126 -26.38 -4.77 29.21
CA ALA A 126 -27.20 -3.97 28.32
C ALA A 126 -27.31 -4.71 27.00
N THR A 127 -28.51 -4.72 26.44
CA THR A 127 -28.75 -5.35 25.14
C THR A 127 -29.33 -4.33 24.17
N MET A 128 -28.60 -4.00 23.11
CA MET A 128 -29.14 -3.20 22.02
C MET A 128 -29.62 -4.16 20.93
N LEU A 129 -30.80 -3.90 20.39
CA LEU A 129 -31.44 -4.80 19.45
C LEU A 129 -31.58 -4.17 18.06
N CYS A 130 -31.41 -5.01 17.05
CA CYS A 130 -31.61 -4.62 15.67
C CYS A 130 -32.18 -5.74 14.83
N ALA A 131 -33.36 -5.54 14.25
CA ALA A 131 -33.92 -6.47 13.25
C ALA A 131 -33.60 -5.96 11.85
N ALA A 132 -32.96 -6.79 11.02
CA ALA A 132 -32.64 -6.41 9.65
C ALA A 132 -32.80 -7.59 8.70
N SER A 133 -33.11 -7.29 7.45
CA SER A 133 -33.27 -8.34 6.45
C SER A 133 -32.75 -7.91 5.09
N GLY A 134 -32.72 -8.87 4.18
CA GLY A 134 -32.21 -8.65 2.84
C GLY A 134 -31.82 -9.97 2.20
N ASN A 135 -31.32 -9.86 0.98
CA ASN A 135 -30.96 -11.03 0.19
C ASN A 135 -29.71 -10.68 -0.58
N PRO A 136 -28.56 -11.28 -0.21
CA PRO A 136 -28.33 -12.25 0.85
C PRO A 136 -28.65 -11.75 2.26
N ASP A 137 -28.83 -12.70 3.18
CA ASP A 137 -29.01 -12.40 4.61
C ASP A 137 -27.90 -11.49 5.10
N PRO A 138 -28.25 -10.28 5.56
CA PRO A 138 -27.18 -9.35 5.84
C PRO A 138 -26.46 -9.64 7.15
N GLU A 139 -25.22 -9.19 7.25
CA GLU A 139 -24.47 -9.17 8.49
C GLU A 139 -24.86 -7.91 9.21
N ILE A 140 -25.06 -8.02 10.51
CA ILE A 140 -25.35 -6.87 11.33
C ILE A 140 -24.10 -6.56 12.11
N THR A 141 -23.66 -5.30 12.05
CA THR A 141 -22.56 -4.81 12.90
C THR A 141 -22.98 -3.53 13.61
N TRP A 142 -22.14 -3.07 14.51
CA TRP A 142 -22.48 -1.97 15.38
C TRP A 142 -21.45 -0.87 15.35
N PHE A 143 -21.93 0.37 15.30
CA PHE A 143 -21.09 1.53 15.53
C PHE A 143 -21.53 2.24 16.81
N LYS A 144 -20.56 2.75 17.54
CA LYS A 144 -20.80 3.51 18.76
C LYS A 144 -20.06 4.83 18.60
N ASP A 145 -20.82 5.92 18.65
CA ASP A 145 -20.27 7.26 18.49
C ASP A 145 -19.40 7.34 17.23
N PHE A 146 -19.94 6.80 16.13
CA PHE A 146 -19.37 6.86 14.79
C PHE A 146 -18.13 5.95 14.55
N LEU A 147 -17.78 5.13 15.54
CA LEU A 147 -16.64 4.20 15.43
C LEU A 147 -17.17 2.75 15.52
N PRO A 148 -16.53 1.81 14.80
CA PRO A 148 -16.99 0.42 14.89
C PRO A 148 -16.79 -0.17 16.29
N VAL A 149 -17.76 -0.95 16.75
CA VAL A 149 -17.65 -1.70 18.01
C VAL A 149 -17.01 -3.03 17.64
N ASP A 150 -15.81 -3.27 18.12
CA ASP A 150 -15.11 -4.52 17.80
C ASP A 150 -15.23 -5.45 19.01
N THR A 151 -15.50 -6.72 18.74
CA THR A 151 -15.97 -7.66 19.77
C THR A 151 -15.39 -9.07 19.66
N SER A 152 -14.12 -9.23 20.05
CA SER A 152 -13.50 -10.55 20.19
C SER A 152 -12.14 -10.47 20.85
N GLY A 156 -14.27 -11.54 26.67
CA GLY A 156 -15.16 -10.76 25.82
C GLY A 156 -16.35 -10.22 26.58
N ARG A 157 -16.25 -8.98 27.04
CA ARG A 157 -17.32 -8.33 27.76
C ARG A 157 -18.47 -7.93 26.81
N ILE A 158 -18.10 -7.36 25.67
CA ILE A 158 -19.07 -6.93 24.67
C ILE A 158 -19.18 -8.01 23.62
N LYS A 159 -20.37 -8.61 23.49
CA LYS A 159 -20.58 -9.68 22.53
C LYS A 159 -21.75 -9.39 21.60
N GLN A 160 -21.64 -9.85 20.37
CA GLN A 160 -22.73 -9.72 19.41
C GLN A 160 -23.40 -11.07 19.18
N LEU A 161 -24.73 -11.10 19.31
CA LEU A 161 -25.52 -12.31 19.11
C LEU A 161 -26.37 -12.14 17.87
N ARG A 162 -26.72 -13.23 17.21
CA ARG A 162 -27.40 -13.15 15.93
C ARG A 162 -28.34 -14.31 15.65
N SER A 163 -29.55 -14.00 15.20
CA SER A 163 -30.58 -15.04 14.97
C SER A 163 -31.67 -14.56 13.99
N GLU A 164 -31.94 -15.36 12.96
CA GLU A 164 -32.80 -14.97 11.83
C GLU A 164 -32.56 -13.49 11.46
N SER A 165 -33.57 -12.62 11.58
CA SER A 165 -33.41 -11.20 11.26
C SER A 165 -32.88 -10.38 12.45
N ILE A 166 -32.78 -11.00 13.63
CA ILE A 166 -32.38 -10.27 14.85
C ILE A 166 -30.88 -10.24 15.08
N GLY A 167 -30.35 -9.04 15.31
CA GLY A 167 -28.99 -8.88 15.79
C GLY A 167 -28.91 -8.13 17.11
N ALA A 168 -28.23 -8.72 18.10
CA ALA A 168 -28.10 -8.10 19.41
C ALA A 168 -26.66 -7.78 19.73
N LEU A 169 -26.46 -6.60 20.32
CA LEU A 169 -25.21 -6.26 20.97
C LEU A 169 -25.46 -6.36 22.47
N GLN A 170 -24.82 -7.34 23.10
CA GLN A 170 -24.91 -7.56 24.52
C GLN A 170 -23.64 -7.02 25.19
N ILE A 171 -23.81 -6.05 26.08
CA ILE A 171 -22.70 -5.42 26.78
C ILE A 171 -22.77 -5.80 28.24
N GLU A 172 -22.04 -6.86 28.58
CA GLU A 172 -21.99 -7.34 29.95
C GLU A 172 -21.27 -6.34 30.85
N GLN A 173 -21.53 -6.45 32.15
CA GLN A 173 -20.90 -5.59 33.15
C GLN A 173 -20.82 -4.15 32.71
N SER A 174 -21.95 -3.61 32.27
CA SER A 174 -21.99 -2.29 31.70
C SER A 174 -21.34 -1.29 32.64
N GLU A 175 -20.75 -0.26 32.05
CA GLU A 175 -20.06 0.79 32.80
C GLU A 175 -20.18 2.11 32.06
N GLU A 176 -19.75 3.18 32.71
CA GLU A 176 -19.91 4.54 32.21
C GLU A 176 -19.45 4.74 30.78
N SER A 177 -18.31 4.18 30.41
CA SER A 177 -17.75 4.43 29.09
C SER A 177 -18.57 3.76 27.99
N ASP A 178 -19.38 2.76 28.33
CA ASP A 178 -20.30 2.15 27.36
C ASP A 178 -21.45 3.06 26.94
N GLN A 179 -21.69 4.15 27.69
CA GLN A 179 -22.70 5.12 27.29
C GLN A 179 -22.33 5.73 25.96
N GLY A 180 -23.33 5.95 25.13
CA GLY A 180 -23.12 6.58 23.83
C GLY A 180 -24.23 6.34 22.84
N LYS A 181 -23.93 6.70 21.60
CA LYS A 181 -24.85 6.65 20.47
C LYS A 181 -24.56 5.41 19.62
N TYR A 182 -25.47 4.45 19.62
CA TYR A 182 -25.30 3.19 18.90
C TYR A 182 -26.11 3.14 17.61
N GLU A 183 -25.46 2.72 16.54
CA GLU A 183 -26.13 2.47 15.28
C GLU A 183 -25.93 1.03 14.85
N CYS A 184 -27.02 0.43 14.38
CA CYS A 184 -26.99 -0.89 13.80
C CYS A 184 -26.71 -0.72 12.30
N VAL A 185 -25.84 -1.55 11.77
CA VAL A 185 -25.46 -1.50 10.35
C VAL A 185 -25.69 -2.87 9.71
N ALA A 186 -26.46 -2.89 8.63
CA ALA A 186 -26.84 -4.11 7.93
C ALA A 186 -26.17 -4.14 6.55
N THR A 187 -25.37 -5.19 6.31
CA THR A 187 -24.54 -5.24 5.10
C THR A 187 -24.65 -6.56 4.41
N ASN A 188 -24.79 -6.50 3.09
CA ASN A 188 -24.70 -7.69 2.25
C ASN A 188 -24.08 -7.29 0.91
N SER A 189 -24.03 -8.23 -0.02
CA SER A 189 -23.42 -7.97 -1.34
C SER A 189 -24.08 -6.82 -2.11
N ALA A 190 -25.35 -6.53 -1.82
CA ALA A 190 -26.07 -5.43 -2.47
C ALA A 190 -25.75 -4.07 -1.84
N GLY A 191 -25.46 -4.07 -0.54
CA GLY A 191 -25.02 -2.85 0.10
C GLY A 191 -25.21 -2.76 1.60
N THR A 192 -25.14 -1.53 2.08
CA THR A 192 -25.10 -1.25 3.50
C THR A 192 -26.16 -0.23 3.90
N ARG A 193 -26.94 -0.57 4.92
CA ARG A 193 -27.98 0.31 5.45
C ARG A 193 -27.76 0.58 6.94
N TYR A 194 -27.86 1.85 7.33
CA TYR A 194 -27.75 2.25 8.74
C TYR A 194 -29.10 2.43 9.40
N SER A 195 -29.20 2.05 10.68
CA SER A 195 -30.34 2.40 11.50
C SER A 195 -30.16 3.81 12.01
N ALA A 196 -31.28 4.45 12.39
CA ALA A 196 -31.23 5.62 13.24
C ALA A 196 -30.48 5.24 14.51
N PRO A 197 -29.74 6.18 15.10
CA PRO A 197 -29.01 5.86 16.32
C PRO A 197 -29.94 5.74 17.53
N ALA A 198 -29.49 4.98 18.53
CA ALA A 198 -30.20 4.87 19.79
C ALA A 198 -29.18 5.10 20.87
N ASN A 199 -29.55 5.86 21.89
CA ASN A 199 -28.69 6.14 23.04
C ASN A 199 -28.75 5.02 24.06
N LEU A 200 -27.59 4.69 24.62
CA LEU A 200 -27.52 3.85 25.84
C LEU A 200 -27.04 4.71 27.00
N TYR A 201 -27.78 4.66 28.11
CA TYR A 201 -27.35 5.27 29.37
C TYR A 201 -27.08 4.20 30.41
N VAL A 202 -26.17 4.50 31.32
CA VAL A 202 -25.78 3.59 32.39
C VAL A 202 -26.11 4.30 33.69
N ARG A 203 -27.18 3.84 34.35
CA ARG A 203 -27.69 4.49 35.57
C ARG A 203 -27.10 3.83 36.81
N GLU B 4 -12.60 -7.43 -11.88
CA GLU B 4 -11.71 -6.25 -11.72
C GLU B 4 -11.19 -6.20 -10.29
N THR B 5 -9.89 -6.05 -10.12
CA THR B 5 -9.30 -6.04 -8.79
C THR B 5 -8.36 -4.85 -8.67
N PRO B 6 -8.29 -4.24 -7.47
CA PRO B 6 -7.37 -3.12 -7.31
C PRO B 6 -5.92 -3.61 -7.37
N PRO B 7 -4.97 -2.68 -7.52
CA PRO B 7 -3.59 -3.11 -7.59
C PRO B 7 -3.11 -3.70 -6.27
N ARG B 8 -2.19 -4.67 -6.37
CA ARG B 8 -1.49 -5.23 -5.23
C ARG B 8 -0.02 -5.34 -5.61
N PHE B 9 0.86 -4.95 -4.70
CA PHE B 9 2.29 -5.00 -4.98
C PHE B 9 2.78 -6.44 -4.99
N THR B 10 3.60 -6.77 -5.97
CA THR B 10 4.28 -8.06 -6.02
C THR B 10 5.76 -7.87 -5.70
N ARG B 11 6.29 -6.68 -5.99
CA ARG B 11 7.62 -6.31 -5.49
CA ARG B 11 7.62 -6.30 -5.50
C ARG B 11 7.64 -4.85 -5.07
N THR B 12 8.13 -4.61 -3.85
CA THR B 12 8.17 -3.26 -3.29
C THR B 12 9.63 -2.80 -3.21
N PRO B 13 9.88 -1.50 -3.45
CA PRO B 13 11.27 -1.05 -3.40
C PRO B 13 11.85 -1.13 -2.00
N VAL B 14 13.15 -1.39 -1.89
CA VAL B 14 13.77 -1.42 -0.57
C VAL B 14 14.74 -0.26 -0.41
N ASP B 15 14.96 0.12 0.83
CA ASP B 15 15.85 1.24 1.15
C ASP B 15 17.21 0.99 0.55
N GLN B 16 17.82 2.04 0.02
CA GLN B 16 19.12 1.92 -0.59
C GLN B 16 20.07 3.01 -0.11
N THR B 17 21.32 2.63 0.09
CA THR B 17 22.35 3.62 0.34
C THR B 17 23.35 3.59 -0.79
N GLY B 18 23.46 4.71 -1.50
CA GLY B 18 24.39 4.84 -2.62
C GLY B 18 25.54 5.78 -2.33
N VAL B 19 26.44 5.89 -3.31
CA VAL B 19 27.60 6.79 -3.21
C VAL B 19 27.44 7.97 -4.18
N SER B 20 27.82 9.15 -3.71
CA SER B 20 27.76 10.37 -4.51
C SER B 20 28.45 10.12 -5.84
N GLY B 21 27.78 10.45 -6.94
CA GLY B 21 28.29 10.23 -8.29
C GLY B 21 27.94 8.88 -8.87
N GLY B 22 27.47 7.97 -8.01
CA GLY B 22 27.11 6.62 -8.41
C GLY B 22 25.67 6.53 -8.88
N VAL B 23 25.11 5.33 -8.82
CA VAL B 23 23.76 5.06 -9.29
C VAL B 23 22.96 4.48 -8.14
N ALA B 24 21.67 4.78 -8.10
CA ALA B 24 20.74 3.97 -7.32
C ALA B 24 19.51 3.67 -8.16
N SER B 25 18.98 2.45 -8.01
CA SER B 25 17.79 2.02 -8.72
C SER B 25 16.78 1.46 -7.71
N PHE B 26 15.52 1.87 -7.80
CA PHE B 26 14.45 1.28 -6.98
C PHE B 26 13.49 0.52 -7.88
N ILE B 27 13.09 -0.68 -7.44
CA ILE B 27 12.23 -1.56 -8.21
C ILE B 27 10.84 -1.63 -7.57
N CYS B 28 9.82 -1.58 -8.40
CA CYS B 28 8.44 -1.64 -7.93
C CYS B 28 7.57 -2.34 -8.96
N GLN B 29 6.79 -3.31 -8.49
CA GLN B 29 5.93 -4.07 -9.35
C GLN B 29 4.61 -4.40 -8.69
N ALA B 30 3.55 -4.38 -9.49
CA ALA B 30 2.20 -4.57 -8.99
C ALA B 30 1.37 -5.39 -9.97
N THR B 31 0.42 -6.15 -9.42
CA THR B 31 -0.56 -6.85 -10.20
C THR B 31 -1.92 -6.22 -9.93
N GLY B 32 -2.93 -6.62 -10.68
CA GLY B 32 -4.25 -6.03 -10.60
C GLY B 32 -4.94 -6.17 -11.94
N ASP B 33 -6.23 -5.84 -11.97
CA ASP B 33 -7.01 -6.01 -13.17
C ASP B 33 -8.03 -4.87 -13.29
N PRO B 34 -7.82 -3.95 -14.24
CA PRO B 34 -6.79 -3.92 -15.29
C PRO B 34 -5.37 -3.83 -14.76
N ARG B 35 -4.40 -4.21 -15.59
CA ARG B 35 -3.00 -4.18 -15.15
C ARG B 35 -2.61 -2.76 -14.75
N PRO B 36 -2.00 -2.60 -13.56
CA PRO B 36 -1.76 -1.25 -13.12
C PRO B 36 -0.60 -0.56 -13.83
N LYS B 37 -0.52 0.75 -13.67
CA LYS B 37 0.65 1.50 -14.06
C LYS B 37 1.34 2.02 -12.80
N ILE B 38 2.58 2.44 -12.95
CA ILE B 38 3.40 2.89 -11.82
CA ILE B 38 3.37 2.91 -11.82
C ILE B 38 3.82 4.35 -12.00
N VAL B 39 3.73 5.12 -10.93
CA VAL B 39 4.25 6.49 -10.92
C VAL B 39 5.14 6.61 -9.70
N TRP B 40 6.28 7.30 -9.85
CA TRP B 40 7.16 7.58 -8.71
C TRP B 40 7.06 9.03 -8.25
N ASN B 41 6.89 9.25 -6.95
CA ASN B 41 6.86 10.60 -6.37
C ASN B 41 8.01 10.82 -5.42
N LYS B 42 8.32 12.08 -5.16
CA LYS B 42 9.27 12.49 -4.13
C LYS B 42 8.52 13.47 -3.24
N LYS B 43 8.57 13.20 -1.94
CA LYS B 43 7.81 13.97 -0.95
C LYS B 43 6.41 14.34 -1.46
N GLY B 44 5.73 13.39 -2.08
CA GLY B 44 4.33 13.56 -2.48
C GLY B 44 4.04 14.08 -3.88
N LYS B 45 5.07 14.43 -4.66
CA LYS B 45 4.83 14.91 -6.03
C LYS B 45 5.70 14.16 -7.05
N LYS B 46 5.16 13.98 -8.25
CA LYS B 46 5.77 13.19 -9.33
C LYS B 46 7.22 13.59 -9.62
N VAL B 47 8.13 12.63 -9.63
CA VAL B 47 9.56 12.94 -9.85
C VAL B 47 9.75 13.53 -11.23
N SER B 48 10.56 14.58 -11.30
CA SER B 48 10.85 15.22 -12.57
C SER B 48 12.17 15.96 -12.43
N ASN B 49 13.25 15.23 -12.68
CA ASN B 49 14.59 15.75 -12.58
C ASN B 49 15.42 15.09 -13.68
N GLN B 50 16.35 15.86 -14.25
CA GLN B 50 17.12 15.38 -15.39
C GLN B 50 18.04 14.19 -15.07
N ARG B 51 18.26 13.90 -13.78
CA ARG B 51 19.10 12.79 -13.36
C ARG B 51 18.29 11.59 -12.91
N PHE B 52 16.96 11.73 -12.92
CA PHE B 52 16.07 10.66 -12.49
C PHE B 52 15.42 10.12 -13.74
N GLU B 53 15.48 8.80 -13.89
CA GLU B 53 14.87 8.16 -15.05
C GLU B 53 13.98 6.99 -14.61
N VAL B 54 12.84 6.85 -15.27
CA VAL B 54 11.93 5.73 -15.02
C VAL B 54 11.95 4.81 -16.23
N ILE B 55 12.11 3.50 -15.97
CA ILE B 55 12.16 2.47 -17.00
C ILE B 55 11.12 1.40 -16.69
N GLU B 56 10.26 1.09 -17.65
CA GLU B 56 9.16 0.14 -17.42
C GLU B 56 9.50 -1.29 -17.81
N PHE B 57 8.81 -2.24 -17.19
CA PHE B 57 8.77 -3.62 -17.66
C PHE B 57 7.39 -4.24 -17.33
N ASP B 58 7.18 -5.51 -17.69
CA ASP B 58 5.93 -6.20 -17.42
C ASP B 58 4.77 -5.35 -17.94
N ASP B 59 4.92 -4.89 -19.18
CA ASP B 59 3.94 -4.03 -19.86
C ASP B 59 3.37 -2.93 -18.97
N GLY B 60 4.25 -2.19 -18.31
CA GLY B 60 3.87 -1.03 -17.51
C GLY B 60 3.56 -1.31 -16.05
N SER B 61 3.44 -2.59 -15.68
CA SER B 61 3.11 -2.97 -14.31
C SER B 61 4.34 -3.13 -13.42
N GLY B 62 5.51 -3.07 -14.04
CA GLY B 62 6.77 -2.97 -13.32
C GLY B 62 7.49 -1.67 -13.71
N SER B 63 8.19 -1.08 -12.76
CA SER B 63 8.90 0.15 -13.02
C SER B 63 10.20 0.22 -12.22
N VAL B 64 11.24 0.76 -12.84
CA VAL B 64 12.49 1.05 -12.16
C VAL B 64 12.72 2.55 -12.15
N LEU B 65 12.95 3.09 -10.95
CA LEU B 65 13.40 4.47 -10.82
C LEU B 65 14.93 4.45 -10.68
N ARG B 66 15.59 5.06 -11.64
CA ARG B 66 17.05 5.12 -11.66
C ARG B 66 17.52 6.55 -11.49
N ILE B 67 18.43 6.76 -10.55
CA ILE B 67 19.00 8.07 -10.29
C ILE B 67 20.50 7.99 -10.52
N GLN B 68 20.99 8.83 -11.42
CA GLN B 68 22.42 8.88 -11.76
C GLN B 68 22.74 10.21 -12.45
N PRO B 69 23.83 10.89 -12.03
CA PRO B 69 24.67 10.58 -10.88
C PRO B 69 23.99 10.96 -9.57
N LEU B 70 24.16 10.13 -8.55
CA LEU B 70 23.66 10.45 -7.22
C LEU B 70 24.26 11.74 -6.69
N ARG B 71 23.41 12.64 -6.17
CA ARG B 71 23.84 13.89 -5.56
C ARG B 71 23.42 13.94 -4.10
N THR B 72 24.34 14.39 -3.24
CA THR B 72 24.03 14.55 -1.83
C THR B 72 24.18 16.03 -1.44
N PRO B 73 23.28 16.55 -0.59
CA PRO B 73 22.13 15.91 0.06
C PRO B 73 20.86 15.87 -0.78
N ARG B 74 20.84 16.58 -1.92
CA ARG B 74 19.63 16.75 -2.75
C ARG B 74 18.77 15.50 -2.90
N ASP B 75 19.39 14.36 -3.18
CA ASP B 75 18.65 13.13 -3.48
C ASP B 75 18.26 12.31 -2.27
N GLU B 76 18.84 12.60 -1.10
CA GLU B 76 18.45 11.92 0.12
C GLU B 76 17.03 12.35 0.47
N ALA B 77 16.10 11.41 0.30
CA ALA B 77 14.69 11.66 0.58
C ALA B 77 13.91 10.36 0.58
N ILE B 78 12.65 10.48 0.95
CA ILE B 78 11.71 9.40 0.82
C ILE B 78 11.05 9.49 -0.55
N TYR B 79 11.06 8.38 -1.28
CA TYR B 79 10.39 8.28 -2.57
C TYR B 79 9.20 7.33 -2.47
N GLU B 80 8.18 7.58 -3.29
CA GLU B 80 6.96 6.77 -3.26
CA GLU B 80 6.95 6.77 -3.27
C GLU B 80 6.74 6.05 -4.60
N CYS B 81 6.35 4.78 -4.52
CA CYS B 81 5.86 4.05 -5.69
C CYS B 81 4.34 4.03 -5.58
N VAL B 82 3.65 4.49 -6.61
CA VAL B 82 2.18 4.52 -6.60
C VAL B 82 1.70 3.69 -7.76
N ALA B 83 0.93 2.65 -7.46
CA ALA B 83 0.38 1.77 -8.48
C ALA B 83 -1.12 2.00 -8.58
N SER B 84 -1.60 2.20 -9.79
CA SER B 84 -2.99 2.51 -10.00
C SER B 84 -3.61 1.82 -11.23
N ASN B 85 -4.92 1.53 -11.13
CA ASN B 85 -5.73 1.20 -12.29
C ASN B 85 -7.07 1.92 -12.12
N ASN B 86 -8.05 1.68 -12.97
CA ASN B 86 -9.31 2.43 -12.87
C ASN B 86 -10.22 1.97 -11.70
N VAL B 87 -9.79 0.94 -10.98
CA VAL B 87 -10.52 0.40 -9.83
C VAL B 87 -9.87 0.78 -8.47
N GLY B 88 -8.59 1.15 -8.46
CA GLY B 88 -7.97 1.57 -7.22
C GLY B 88 -6.53 2.06 -7.34
N GLU B 89 -5.97 2.43 -6.18
CA GLU B 89 -4.60 2.92 -6.06
C GLU B 89 -3.99 2.36 -4.80
N ILE B 90 -2.68 2.07 -4.83
CA ILE B 90 -1.92 1.71 -3.66
C ILE B 90 -0.55 2.38 -3.76
N SER B 91 0.03 2.71 -2.62
CA SER B 91 1.40 3.23 -2.63
C SER B 91 2.23 2.71 -1.48
N VAL B 92 3.54 2.68 -1.71
CA VAL B 92 4.50 2.34 -0.69
C VAL B 92 5.70 3.24 -0.90
N SER B 93 6.52 3.42 0.13
CA SER B 93 7.67 4.31 0.05
C SER B 93 8.99 3.56 0.25
N THR B 94 10.08 4.25 -0.04
CA THR B 94 11.41 3.73 0.20
C THR B 94 12.30 4.91 0.46
N ARG B 95 13.44 4.65 1.10
CA ARG B 95 14.35 5.70 1.52
C ARG B 95 15.68 5.56 0.78
N LEU B 96 16.19 6.67 0.26
CA LEU B 96 17.50 6.70 -0.37
C LEU B 96 18.47 7.49 0.50
N THR B 97 19.60 6.89 0.83
CA THR B 97 20.68 7.59 1.49
C THR B 97 21.81 7.72 0.47
N VAL B 98 22.48 8.86 0.45
CA VAL B 98 23.59 9.12 -0.48
C VAL B 98 24.80 9.64 0.29
N LEU B 99 25.86 8.83 0.31
CA LEU B 99 27.08 9.15 1.04
C LEU B 99 28.07 9.87 0.13
N ARG B 100 28.78 10.85 0.68
CA ARG B 100 29.92 11.41 -0.02
C ARG B 100 30.98 10.33 -0.10
N GLU B 101 31.93 10.49 -1.02
CA GLU B 101 33.04 9.57 -1.12
C GLU B 101 33.80 9.51 0.21
N ASP B 102 34.03 10.65 0.84
CA ASP B 102 34.69 10.71 2.14
C ASP B 102 33.81 10.23 3.31
N GLN B 103 32.60 9.76 3.01
CA GLN B 103 31.68 9.25 4.03
C GLN B 103 31.48 7.74 3.96
N ILE B 104 31.95 7.09 2.90
CA ILE B 104 31.62 5.68 2.71
C ILE B 104 32.39 4.84 3.73
N PRO B 105 31.66 4.02 4.51
CA PRO B 105 32.27 3.29 5.60
C PRO B 105 33.15 2.17 5.10
N ARG B 106 33.96 1.62 6.00
CA ARG B 106 34.75 0.44 5.70
C ARG B 106 33.78 -0.72 5.45
N GLY B 107 34.13 -1.58 4.49
CA GLY B 107 33.28 -2.70 4.14
C GLY B 107 32.20 -2.36 3.11
N PHE B 108 32.06 -1.08 2.76
CA PHE B 108 31.17 -0.66 1.68
C PHE B 108 31.60 -1.38 0.40
N PRO B 109 30.65 -1.90 -0.40
CA PRO B 109 31.06 -2.72 -1.52
C PRO B 109 31.93 -2.00 -2.53
N THR B 110 32.93 -2.71 -3.04
CA THR B 110 33.80 -2.21 -4.07
C THR B 110 33.67 -3.15 -5.25
N ILE B 111 33.74 -2.60 -6.44
CA ILE B 111 33.84 -3.43 -7.64
C ILE B 111 35.33 -3.63 -7.87
N ASP B 112 35.83 -4.85 -7.65
CA ASP B 112 37.26 -5.14 -7.82
C ASP B 112 37.59 -5.23 -9.29
N MET B 113 36.72 -5.85 -10.07
CA MET B 113 36.82 -5.87 -11.54
C MET B 113 35.44 -5.79 -12.19
N GLY B 114 35.19 -4.71 -12.92
CA GLY B 114 33.92 -4.53 -13.60
C GLY B 114 33.83 -5.38 -14.84
N PRO B 115 32.62 -5.58 -15.36
CA PRO B 115 32.46 -6.35 -16.56
C PRO B 115 33.11 -5.67 -17.76
N GLN B 116 33.47 -6.45 -18.75
CA GLN B 116 34.15 -5.93 -19.91
C GLN B 116 33.35 -6.22 -21.15
N LEU B 117 33.63 -5.43 -22.19
CA LEU B 117 33.07 -5.63 -23.52
C LEU B 117 33.17 -7.09 -23.90
N LYS B 118 32.07 -7.62 -24.40
CA LYS B 118 32.04 -8.99 -24.87
C LYS B 118 31.29 -9.00 -26.19
N VAL B 119 31.77 -9.81 -27.13
CA VAL B 119 31.08 -10.08 -28.37
C VAL B 119 30.96 -11.60 -28.42
N VAL B 120 29.74 -12.10 -28.48
CA VAL B 120 29.51 -13.54 -28.49
C VAL B 120 28.84 -13.90 -29.81
N GLU B 121 29.00 -15.14 -30.23
CA GLU B 121 28.37 -15.63 -31.44
C GLU B 121 26.99 -16.16 -31.11
N ARG B 122 26.01 -15.86 -31.95
CA ARG B 122 24.64 -16.35 -31.77
C ARG B 122 24.63 -17.83 -31.38
N THR B 123 23.79 -18.17 -30.41
CA THR B 123 23.65 -19.53 -29.86
C THR B 123 24.77 -19.97 -28.91
N ARG B 124 25.84 -19.18 -28.79
CA ARG B 124 26.91 -19.47 -27.84
C ARG B 124 26.63 -18.85 -26.49
N THR B 125 27.28 -19.38 -25.46
CA THR B 125 27.21 -18.85 -24.09
C THR B 125 28.03 -17.55 -23.98
N ALA B 126 27.35 -16.45 -23.66
CA ALA B 126 28.03 -15.19 -23.34
C ALA B 126 28.15 -15.10 -21.83
N THR B 127 29.37 -14.87 -21.37
CA THR B 127 29.66 -14.78 -19.94
C THR B 127 30.11 -13.36 -19.64
N MET B 128 29.34 -12.64 -18.82
CA MET B 128 29.78 -11.36 -18.28
C MET B 128 30.33 -11.60 -16.87
N LEU B 129 31.44 -10.95 -16.56
CA LEU B 129 32.15 -11.17 -15.31
C LEU B 129 32.20 -9.93 -14.42
N CYS B 130 32.08 -10.16 -13.12
CA CYS B 130 32.24 -9.11 -12.11
C CYS B 130 32.96 -9.62 -10.86
N ALA B 131 33.93 -8.86 -10.39
CA ALA B 131 34.62 -9.16 -9.13
C ALA B 131 34.27 -8.06 -8.15
N ALA B 132 33.74 -8.43 -6.99
CA ALA B 132 33.29 -7.44 -6.00
C ALA B 132 33.54 -7.94 -4.60
N SER B 133 33.91 -7.01 -3.71
CA SER B 133 34.14 -7.33 -2.30
C SER B 133 33.49 -6.34 -1.35
N GLY B 134 33.46 -6.72 -0.08
CA GLY B 134 32.88 -5.89 0.96
C GLY B 134 32.66 -6.70 2.22
N ASN B 135 32.32 -5.98 3.29
CA ASN B 135 32.08 -6.58 4.60
C ASN B 135 30.77 -6.04 5.14
N PRO B 136 29.72 -6.88 5.19
CA PRO B 136 29.71 -8.28 4.78
C PRO B 136 29.81 -8.50 3.27
N ASP B 137 30.03 -9.75 2.90
CA ASP B 137 30.18 -10.15 1.50
C ASP B 137 29.01 -9.69 0.68
N PRO B 138 29.28 -8.89 -0.38
CA PRO B 138 28.15 -8.31 -1.09
C PRO B 138 27.37 -9.32 -1.92
N GLU B 139 26.09 -9.03 -2.12
CA GLU B 139 25.26 -9.70 -3.12
C GLU B 139 25.59 -9.03 -4.46
N ILE B 140 25.71 -9.83 -5.51
CA ILE B 140 25.98 -9.32 -6.84
C ILE B 140 24.73 -9.53 -7.68
N THR B 141 24.19 -8.46 -8.24
CA THR B 141 23.06 -8.58 -9.15
C THR B 141 23.42 -7.86 -10.44
N TRP B 142 22.60 -8.07 -11.46
CA TRP B 142 22.88 -7.55 -12.80
C TRP B 142 21.72 -6.71 -13.31
N PHE B 143 22.06 -5.57 -13.94
CA PHE B 143 21.09 -4.80 -14.69
C PHE B 143 21.48 -4.80 -16.16
N LYS B 144 20.47 -4.93 -17.03
CA LYS B 144 20.63 -4.85 -18.47
C LYS B 144 19.76 -3.69 -18.97
N ASP B 145 20.39 -2.73 -19.64
CA ASP B 145 19.69 -1.55 -20.11
C ASP B 145 18.77 -1.05 -18.99
N PHE B 146 19.36 -0.86 -17.81
CA PHE B 146 18.72 -0.28 -16.63
C PHE B 146 17.66 -1.14 -15.91
N LEU B 147 17.41 -2.36 -16.38
CA LEU B 147 16.43 -3.24 -15.74
C LEU B 147 17.13 -4.44 -15.12
N PRO B 148 16.62 -4.91 -13.96
CA PRO B 148 17.25 -6.04 -13.29
C PRO B 148 17.11 -7.29 -14.15
N VAL B 149 18.17 -8.09 -14.23
CA VAL B 149 18.14 -9.33 -14.98
C VAL B 149 17.41 -10.39 -14.17
N ASP B 150 16.39 -11.01 -14.75
CA ASP B 150 15.68 -12.12 -14.14
C ASP B 150 16.40 -13.45 -14.42
N THR B 151 16.47 -14.32 -13.41
CA THR B 151 17.14 -15.63 -13.53
C THR B 151 16.39 -16.70 -12.75
N ARG B 157 18.07 -20.51 -19.00
CA ARG B 157 18.88 -19.98 -20.09
C ARG B 157 19.86 -18.91 -19.60
N ILE B 158 19.46 -18.16 -18.58
CA ILE B 158 20.31 -17.13 -17.98
C ILE B 158 20.54 -17.43 -16.50
N LYS B 159 21.79 -17.75 -16.16
CA LYS B 159 22.17 -18.07 -14.79
C LYS B 159 23.28 -17.16 -14.29
N GLN B 160 23.46 -17.15 -12.97
CA GLN B 160 24.52 -16.39 -12.32
C GLN B 160 25.44 -17.26 -11.46
N LEU B 161 26.69 -17.38 -11.88
CA LEU B 161 27.72 -18.04 -11.10
C LEU B 161 28.20 -17.04 -10.04
N ARG B 162 28.63 -17.54 -8.89
CA ARG B 162 29.14 -16.72 -7.80
CA ARG B 162 29.17 -16.71 -7.82
C ARG B 162 30.11 -17.52 -6.93
N SER B 163 31.28 -16.96 -6.65
CA SER B 163 32.29 -17.66 -5.88
C SER B 163 33.34 -16.69 -5.34
N GLU B 164 33.41 -16.57 -4.02
CA GLU B 164 34.34 -15.65 -3.39
C GLU B 164 34.12 -14.23 -3.99
N SER B 165 35.20 -13.52 -4.33
CA SER B 165 35.15 -12.24 -5.04
C SER B 165 34.31 -12.25 -6.34
N ILE B 166 34.26 -13.39 -7.04
CA ILE B 166 33.71 -13.43 -8.43
C ILE B 166 32.21 -13.67 -8.51
N GLY B 167 31.52 -12.86 -9.32
CA GLY B 167 30.12 -13.09 -9.70
C GLY B 167 29.99 -12.96 -11.21
N ALA B 168 29.50 -14.01 -11.87
CA ALA B 168 29.38 -14.00 -13.33
C ALA B 168 27.95 -14.20 -13.79
N LEU B 169 27.62 -13.65 -14.95
CA LEU B 169 26.33 -13.84 -15.59
C LEU B 169 26.53 -14.63 -16.88
N GLN B 170 25.97 -15.84 -16.94
CA GLN B 170 26.03 -16.72 -18.11
C GLN B 170 24.73 -16.73 -18.92
N ILE B 171 24.82 -16.32 -20.17
CA ILE B 171 23.68 -16.26 -21.07
C ILE B 171 23.88 -17.32 -22.15
N GLU B 172 23.31 -18.50 -21.94
CA GLU B 172 23.37 -19.57 -22.94
C GLU B 172 22.49 -19.23 -24.13
N GLN B 173 22.75 -19.88 -25.26
CA GLN B 173 21.98 -19.66 -26.48
C GLN B 173 21.77 -18.15 -26.76
N SER B 174 22.87 -17.41 -26.87
CA SER B 174 22.81 -15.96 -27.09
C SER B 174 21.96 -15.60 -28.30
N GLU B 175 21.30 -14.45 -28.23
CA GLU B 175 20.48 -13.96 -29.33
C GLU B 175 20.47 -12.42 -29.39
N GLU B 176 19.85 -11.87 -30.43
CA GLU B 176 19.90 -10.44 -30.64
CA GLU B 176 19.77 -10.43 -30.69
C GLU B 176 19.34 -9.64 -29.45
N SER B 177 18.33 -10.17 -28.77
CA SER B 177 17.72 -9.50 -27.62
C SER B 177 18.61 -9.47 -26.38
N ASP B 178 19.67 -10.27 -26.36
CA ASP B 178 20.64 -10.21 -25.28
C ASP B 178 21.59 -9.02 -25.40
N GLN B 179 21.65 -8.40 -26.59
CA GLN B 179 22.50 -7.22 -26.78
C GLN B 179 22.03 -6.08 -25.90
N GLY B 180 22.97 -5.35 -25.31
CA GLY B 180 22.64 -4.25 -24.41
C GLY B 180 23.77 -3.94 -23.44
N LYS B 181 23.52 -2.98 -22.56
CA LYS B 181 24.48 -2.54 -21.56
C LYS B 181 24.19 -3.27 -20.27
N TYR B 182 25.23 -3.91 -19.74
CA TYR B 182 25.13 -4.68 -18.53
C TYR B 182 25.93 -3.99 -17.42
N GLU B 183 25.33 -3.92 -16.24
CA GLU B 183 25.96 -3.40 -15.04
C GLU B 183 25.92 -4.46 -13.96
N CYS B 184 27.04 -4.58 -13.28
CA CYS B 184 27.19 -5.45 -12.13
C CYS B 184 26.94 -4.61 -10.89
N VAL B 185 26.02 -5.04 -10.05
CA VAL B 185 25.68 -4.27 -8.84
C VAL B 185 26.02 -5.07 -7.59
N ALA B 186 26.80 -4.46 -6.70
CA ALA B 186 27.27 -5.07 -5.47
C ALA B 186 26.56 -4.44 -4.26
N THR B 187 25.82 -5.24 -3.50
CA THR B 187 24.99 -4.76 -2.38
C THR B 187 25.27 -5.51 -1.09
N ASN B 188 25.44 -4.75 -0.01
CA ASN B 188 25.46 -5.34 1.33
C ASN B 188 24.79 -4.40 2.33
N SER B 189 24.89 -4.73 3.62
CA SER B 189 24.28 -3.94 4.69
CA SER B 189 24.26 -3.95 4.68
C SER B 189 24.72 -2.49 4.68
N ALA B 190 25.93 -2.23 4.16
CA ALA B 190 26.50 -0.89 4.14
C ALA B 190 26.02 -0.07 2.97
N GLY B 191 25.70 -0.72 1.85
CA GLY B 191 25.14 0.00 0.74
C GLY B 191 25.39 -0.67 -0.61
N THR B 192 25.28 0.14 -1.65
CA THR B 192 25.24 -0.38 -3.01
C THR B 192 26.23 0.32 -3.92
N ARG B 193 26.96 -0.48 -4.70
CA ARG B 193 27.90 0.05 -5.67
C ARG B 193 27.69 -0.57 -7.06
N TYR B 194 27.64 0.29 -8.07
CA TYR B 194 27.53 -0.14 -9.46
C TYR B 194 28.89 -0.14 -10.14
N SER B 195 29.11 -1.12 -11.02
CA SER B 195 30.23 -1.09 -11.93
C SER B 195 29.90 -0.14 -13.07
N ALA B 196 30.94 0.28 -13.77
CA ALA B 196 30.77 0.90 -15.07
C ALA B 196 30.07 -0.13 -15.97
N PRO B 197 29.27 0.33 -16.94
CA PRO B 197 28.59 -0.67 -17.78
C PRO B 197 29.53 -1.32 -18.81
N ALA B 198 29.14 -2.50 -19.29
CA ALA B 198 29.84 -3.16 -20.38
C ALA B 198 28.81 -3.58 -21.42
N ASN B 199 29.16 -3.41 -22.69
CA ASN B 199 28.28 -3.82 -23.78
C ASN B 199 28.50 -5.28 -24.12
N LEU B 200 27.40 -5.96 -24.43
CA LEU B 200 27.43 -7.29 -25.06
C LEU B 200 26.91 -7.14 -26.49
N TYR B 201 27.66 -7.63 -27.46
CA TYR B 201 27.20 -7.71 -28.84
C TYR B 201 27.02 -9.17 -29.21
N VAL B 202 26.08 -9.43 -30.12
CA VAL B 202 25.82 -10.77 -30.61
C VAL B 202 26.01 -10.78 -32.13
N ARG B 203 27.10 -11.43 -32.57
CA ARG B 203 27.51 -11.48 -33.97
C ARG B 203 27.46 -12.93 -34.47
P PO4 C . -16.59 3.69 -7.71
O1 PO4 C . -17.90 3.21 -8.29
O2 PO4 C . -15.51 2.62 -7.84
O3 PO4 C . -16.83 3.97 -6.25
O4 PO4 C . -16.11 4.94 -8.41
P PO4 D . 29.17 -22.91 -26.10
O1 PO4 D . 27.77 -22.92 -26.68
O2 PO4 D . 30.19 -23.12 -27.19
O3 PO4 D . 29.31 -24.02 -25.07
O4 PO4 D . 29.42 -21.59 -25.40
P PO4 E . 37.97 -2.56 -14.17
O1 PO4 E . 37.69 -1.61 -15.31
O2 PO4 E . 38.19 -3.96 -14.69
O3 PO4 E . 36.79 -2.56 -13.21
O4 PO4 E . 39.21 -2.09 -13.45
#